data_3U2V
#
_entry.id   3U2V
#
_cell.length_a   46.679
_cell.length_b   46.739
_cell.length_c   69.690
_cell.angle_alpha   79.56
_cell.angle_beta   88.71
_cell.angle_gamma   76.86
#
_symmetry.space_group_name_H-M   'P 1'
#
loop_
_entity.id
_entity.type
_entity.pdbx_description
1 polymer Glycogenin-1
2 branched alpha-D-glucopyranose-(1-4)-alpha-D-glucopyranose-(1-4)-alpha-D-glucopyranose-(1-4)-alpha-D-glucopyranose-(1-4)-alpha-D-glucopyranose-(1-4)-alpha-D-glucopyranose
3 non-polymer 'MANGANESE (II) ION'
4 non-polymer "URIDINE-5'-DIPHOSPHATE"
5 non-polymer GLYCEROL
6 non-polymer 'SULFATE ION'
7 water water
#
_entity_poly.entity_id   1
_entity_poly.type   'polypeptide(L)'
_entity_poly.pdbx_seq_one_letter_code
;SMTDQAFVTLTTNDAYAKGALVLGSSLKQHRTTRRLVVLATPQVSDSMRKVLETVFDEVIMVDVLDSGDSAHLTLMKRPE
LGVTLTKLHCWSLTQYSKCVFMDADTLVLANIDDLFDREELSAAPDPGWPDCFNSGVFVYQPSVETYNQLLHLASEQGSF
DGGDQGILNTFFSSWATTDIRKHLPFIYNLSSISIYSYLPAFKVFGASAKVVHFLGRVKPWNYTYDPKTKSVKSEAHDPN
MTHPEFLILWWNIFTTNVLPLLQ
;
_entity_poly.pdbx_strand_id   A,B
#
loop_
_chem_comp.id
_chem_comp.type
_chem_comp.name
_chem_comp.formula
GLC D-saccharide, alpha linking alpha-D-glucopyranose 'C6 H12 O6'
GOL non-polymer GLYCEROL 'C3 H8 O3'
MN non-polymer 'MANGANESE (II) ION' 'Mn 2'
SO4 non-polymer 'SULFATE ION' 'O4 S -2'
UDP RNA linking URIDINE-5'-DIPHOSPHATE 'C9 H14 N2 O12 P2'
#
# COMPACT_ATOMS: atom_id res chain seq x y z
N SER A 1 -15.59 -4.52 28.40
CA SER A 1 -14.36 -5.24 27.98
C SER A 1 -14.44 -6.72 28.34
N MET A 2 -14.45 -7.01 29.64
CA MET A 2 -14.33 -8.38 30.16
C MET A 2 -15.24 -9.39 29.45
N THR A 3 -16.52 -9.03 29.33
CA THR A 3 -17.54 -9.97 28.88
C THR A 3 -18.12 -9.65 27.50
N ASP A 4 -18.13 -8.37 27.11
CA ASP A 4 -18.93 -7.94 25.98
C ASP A 4 -18.11 -7.58 24.76
N GLN A 5 -16.79 -7.73 24.83
CA GLN A 5 -15.93 -7.46 23.66
C GLN A 5 -14.95 -8.62 23.47
N ALA A 6 -14.61 -8.90 22.21
CA ALA A 6 -13.78 -10.05 21.84
C ALA A 6 -12.86 -9.80 20.68
N PHE A 7 -11.74 -10.52 20.69
CA PHE A 7 -10.97 -10.77 19.49
C PHE A 7 -11.51 -12.03 18.89
N VAL A 8 -11.64 -12.02 17.57
CA VAL A 8 -12.24 -13.13 16.83
C VAL A 8 -11.31 -13.53 15.72
N THR A 9 -11.03 -14.83 15.61
CA THR A 9 -10.30 -15.39 14.44
C THR A 9 -11.10 -16.53 13.78
N LEU A 10 -10.51 -17.10 12.75
CA LEU A 10 -11.16 -18.09 11.87
C LEU A 10 -10.18 -19.14 11.49
N THR A 11 -10.58 -20.40 11.63
CA THR A 11 -9.84 -21.45 10.96
C THR A 11 -10.72 -22.52 10.34
N THR A 12 -10.48 -22.86 9.07
CA THR A 12 -11.25 -23.91 8.41
C THR A 12 -10.54 -25.26 8.39
N ASN A 13 -9.30 -25.35 8.92
CA ASN A 13 -8.56 -26.59 8.91
C ASN A 13 -7.45 -26.59 9.98
N ASP A 14 -6.80 -27.74 10.17
CA ASP A 14 -5.81 -27.89 11.23
C ASP A 14 -4.51 -27.14 10.96
N ALA A 15 -4.24 -26.78 9.69
CA ALA A 15 -3.04 -26.00 9.35
C ALA A 15 -3.20 -24.56 9.85
N TYR A 16 -4.27 -23.90 9.42
CA TYR A 16 -4.53 -22.51 9.93
C TYR A 16 -4.83 -22.48 11.43
N ALA A 17 -5.28 -23.60 12.00
CA ALA A 17 -5.44 -23.69 13.43
C ALA A 17 -4.14 -23.44 14.17
N LYS A 18 -3.01 -23.87 13.61
CA LYS A 18 -1.74 -23.61 14.24
C LYS A 18 -1.53 -22.09 14.33
N GLY A 19 -1.92 -21.40 13.26
CA GLY A 19 -1.86 -19.93 13.28
C GLY A 19 -2.76 -19.33 14.33
N ALA A 20 -4.00 -19.83 14.42
CA ALA A 20 -4.94 -19.31 15.43
C ALA A 20 -4.38 -19.52 16.83
N LEU A 21 -3.76 -20.68 17.05
CA LEU A 21 -3.17 -20.96 18.40
C LEU A 21 -2.05 -19.98 18.75
N VAL A 22 -1.17 -19.67 17.77
CA VAL A 22 -0.10 -18.74 18.01
C VAL A 22 -0.64 -17.33 18.24
N LEU A 23 -1.59 -16.90 17.39
CA LEU A 23 -2.29 -15.63 17.58
C LEU A 23 -2.88 -15.51 18.99
N GLY A 24 -3.69 -16.49 19.37
CA GLY A 24 -4.31 -16.51 20.69
C GLY A 24 -3.28 -16.42 21.81
N SER A 25 -2.22 -17.22 21.70
CA SER A 25 -1.17 -17.22 22.69
CA SER A 25 -1.16 -17.21 22.69
C SER A 25 -0.54 -15.83 22.80
N SER A 26 -0.32 -15.19 21.64
CA SER A 26 0.29 -13.85 21.64
C SER A 26 -0.64 -12.80 22.27
N LEU A 27 -1.96 -12.93 22.07
CA LEU A 27 -2.90 -12.01 22.71
C LEU A 27 -2.89 -12.18 24.25
N LYS A 28 -2.83 -13.42 24.70
CA LYS A 28 -2.69 -13.72 26.13
C LYS A 28 -1.34 -13.19 26.66
N GLN A 29 -0.27 -13.39 25.90
CA GLN A 29 1.08 -12.88 26.25
C GLN A 29 1.08 -11.40 26.58
N HIS A 30 0.31 -10.62 25.82
CA HIS A 30 0.27 -9.17 25.99
C HIS A 30 -0.94 -8.71 26.78
N ARG A 31 -1.53 -9.64 27.54
CA ARG A 31 -2.46 -9.34 28.61
C ARG A 31 -3.76 -8.69 28.17
N THR A 32 -4.36 -9.22 27.11
CA THR A 32 -5.67 -8.69 26.74
C THR A 32 -6.69 -8.91 27.86
N THR A 33 -7.59 -7.95 28.02
CA THR A 33 -8.70 -8.07 28.97
C THR A 33 -10.01 -8.46 28.26
N ARG A 34 -9.96 -8.66 26.94
CA ARG A 34 -11.11 -9.10 26.18
C ARG A 34 -11.18 -10.62 26.02
N ARG A 35 -12.37 -11.10 25.61
CA ARG A 35 -12.57 -12.50 25.24
C ARG A 35 -11.82 -12.85 23.96
N LEU A 36 -11.42 -14.12 23.86
CA LEU A 36 -10.80 -14.69 22.65
C LEU A 36 -11.75 -15.75 22.06
N VAL A 37 -12.14 -15.55 20.81
CA VAL A 37 -13.07 -16.43 20.13
C VAL A 37 -12.48 -16.91 18.81
N VAL A 38 -12.68 -18.18 18.50
CA VAL A 38 -12.32 -18.70 17.19
C VAL A 38 -13.50 -19.35 16.51
N LEU A 39 -13.80 -18.91 15.28
CA LEU A 39 -14.73 -19.59 14.38
C LEU A 39 -14.01 -20.79 13.73
N ALA A 40 -14.60 -21.96 13.84
CA ALA A 40 -14.03 -23.17 13.25
C ALA A 40 -15.09 -23.89 12.42
N THR A 41 -14.65 -24.59 11.39
CA THR A 41 -15.55 -25.34 10.49
C THR A 41 -15.33 -26.85 10.66
N PRO A 42 -16.22 -27.69 10.06
CA PRO A 42 -16.13 -29.14 10.35
C PRO A 42 -14.81 -29.84 9.99
N GLN A 43 -14.02 -29.28 9.07
CA GLN A 43 -12.73 -29.89 8.66
CA GLN A 43 -12.76 -29.92 8.68
C GLN A 43 -11.71 -29.81 9.79
N VAL A 44 -11.93 -28.93 10.76
CA VAL A 44 -11.05 -28.86 11.93
C VAL A 44 -11.29 -30.14 12.76
N SER A 45 -10.24 -30.90 13.02
CA SER A 45 -10.37 -32.18 13.72
C SER A 45 -10.89 -31.99 15.16
N ASP A 46 -11.58 -33.01 15.69
CA ASP A 46 -12.06 -32.96 17.09
C ASP A 46 -10.92 -32.70 18.06
N SER A 47 -9.78 -33.36 17.85
CA SER A 47 -8.65 -33.16 18.74
C SER A 47 -8.14 -31.71 18.66
N MET A 48 -8.08 -31.16 17.47
CA MET A 48 -7.68 -29.75 17.30
C MET A 48 -8.71 -28.79 17.92
N ARG A 49 -10.01 -29.11 17.82
CA ARG A 49 -11.02 -28.28 18.49
C ARG A 49 -10.79 -28.21 20.00
N LYS A 50 -10.42 -29.35 20.58
CA LYS A 50 -10.17 -29.41 22.02
C LYS A 50 -8.94 -28.57 22.40
N VAL A 51 -7.91 -28.58 21.56
CA VAL A 51 -6.74 -27.74 21.82
C VAL A 51 -7.09 -26.25 21.67
N LEU A 52 -7.86 -25.90 20.66
CA LEU A 52 -8.31 -24.52 20.51
C LEU A 52 -9.08 -24.04 21.75
N GLU A 53 -9.86 -24.94 22.35
CA GLU A 53 -10.57 -24.66 23.57
C GLU A 53 -9.67 -24.35 24.76
N THR A 54 -8.41 -24.77 24.71
CA THR A 54 -7.45 -24.44 25.80
C THR A 54 -6.87 -23.01 25.66
N VAL A 55 -6.93 -22.43 24.46
CA VAL A 55 -6.37 -21.10 24.21
C VAL A 55 -7.49 -20.07 24.10
N PHE A 56 -8.57 -20.44 23.40
CA PHE A 56 -9.67 -19.55 23.19
C PHE A 56 -10.74 -19.76 24.23
N ASP A 57 -11.40 -18.67 24.62
CA ASP A 57 -12.55 -18.76 25.53
C ASP A 57 -13.70 -19.49 24.93
N GLU A 58 -13.91 -19.32 23.61
CA GLU A 58 -14.90 -20.10 22.90
C GLU A 58 -14.50 -20.47 21.50
N VAL A 59 -14.83 -21.71 21.14
CA VAL A 59 -14.72 -22.24 19.79
C VAL A 59 -16.16 -22.32 19.26
N ILE A 60 -16.45 -21.53 18.24
CA ILE A 60 -17.80 -21.48 17.68
CA ILE A 60 -17.79 -21.45 17.67
C ILE A 60 -17.77 -22.19 16.33
N MET A 61 -18.58 -23.25 16.21
CA MET A 61 -18.64 -24.02 14.98
C MET A 61 -19.60 -23.37 13.99
N VAL A 62 -19.10 -23.15 12.77
CA VAL A 62 -19.85 -22.54 11.71
C VAL A 62 -19.71 -23.34 10.41
N ASP A 63 -20.62 -23.08 9.48
CA ASP A 63 -20.58 -23.68 8.16
C ASP A 63 -19.57 -22.93 7.30
N VAL A 64 -18.83 -23.65 6.46
CA VAL A 64 -18.00 -23.03 5.43
C VAL A 64 -18.87 -22.26 4.45
N LEU A 65 -18.47 -21.00 4.19
CA LEU A 65 -19.00 -20.24 3.09
C LEU A 65 -17.90 -20.10 2.04
N ASP A 66 -18.19 -20.50 0.81
CA ASP A 66 -17.18 -20.57 -0.24
C ASP A 66 -17.71 -19.80 -1.46
N SER A 67 -16.94 -18.81 -1.91
CA SER A 67 -17.28 -18.05 -3.10
C SER A 67 -17.37 -18.93 -4.38
N GLY A 68 -16.56 -19.99 -4.47
CA GLY A 68 -16.41 -20.75 -5.72
C GLY A 68 -15.92 -19.93 -6.92
N ASP A 69 -15.39 -18.74 -6.63
CA ASP A 69 -15.02 -17.76 -7.66
C ASP A 69 -13.60 -18.03 -8.15
N SER A 70 -13.45 -19.10 -8.93
CA SER A 70 -12.13 -19.50 -9.43
CA SER A 70 -12.14 -19.51 -9.44
C SER A 70 -11.48 -18.44 -10.30
N ALA A 71 -12.29 -17.72 -11.07
CA ALA A 71 -11.77 -16.69 -11.99
C ALA A 71 -11.01 -15.59 -11.23
N HIS A 72 -11.60 -15.10 -10.13
CA HIS A 72 -10.97 -13.99 -9.40
C HIS A 72 -9.87 -14.46 -8.53
N LEU A 73 -10.04 -15.63 -7.93
CA LEU A 73 -9.01 -16.22 -7.07
C LEU A 73 -7.72 -16.54 -7.86
N THR A 74 -7.87 -17.04 -9.09
CA THR A 74 -6.70 -17.29 -9.95
C THR A 74 -5.95 -16.00 -10.34
N LEU A 75 -6.66 -14.86 -10.46
CA LEU A 75 -5.98 -13.56 -10.67
C LEU A 75 -4.91 -13.27 -9.62
N MET A 76 -5.12 -13.75 -8.38
CA MET A 76 -4.18 -13.54 -7.28
C MET A 76 -3.31 -14.74 -7.01
N LYS A 77 -3.41 -15.78 -7.84
CA LYS A 77 -2.75 -17.07 -7.61
C LYS A 77 -3.01 -17.60 -6.20
N ARG A 78 -4.26 -17.45 -5.74
CA ARG A 78 -4.66 -17.97 -4.39
C ARG A 78 -5.95 -18.73 -4.54
N PRO A 79 -5.89 -19.86 -5.28
CA PRO A 79 -7.12 -20.57 -5.60
C PRO A 79 -7.86 -21.12 -4.37
N GLU A 80 -7.14 -21.24 -3.25
CA GLU A 80 -7.69 -21.79 -2.02
C GLU A 80 -8.51 -20.80 -1.14
N LEU A 81 -8.53 -19.52 -1.49
CA LEU A 81 -9.13 -18.49 -0.59
C LEU A 81 -10.65 -18.27 -0.74
N GLY A 82 -11.33 -19.09 -1.55
CA GLY A 82 -12.77 -18.99 -1.61
C GLY A 82 -13.49 -19.19 -0.29
N VAL A 83 -12.90 -20.01 0.60
CA VAL A 83 -13.47 -20.30 1.93
C VAL A 83 -13.34 -19.09 2.91
N THR A 84 -12.66 -18.02 2.51
CA THR A 84 -12.55 -16.84 3.37
C THR A 84 -13.89 -16.11 3.52
N LEU A 85 -14.89 -16.39 2.67
CA LEU A 85 -16.25 -15.86 2.89
CA LEU A 85 -16.24 -15.85 2.89
C LEU A 85 -16.80 -16.29 4.27
N THR A 86 -16.27 -17.39 4.80
CA THR A 86 -16.66 -17.89 6.12
C THR A 86 -16.45 -16.81 7.22
N LYS A 87 -15.53 -15.88 6.97
CA LYS A 87 -15.27 -14.79 7.90
C LYS A 87 -16.54 -13.97 8.17
N LEU A 88 -17.47 -13.93 7.21
CA LEU A 88 -18.68 -13.11 7.39
C LEU A 88 -19.50 -13.51 8.62
N HIS A 89 -19.36 -14.76 9.06
CA HIS A 89 -20.00 -15.21 10.30
C HIS A 89 -19.59 -14.42 11.53
N CYS A 90 -18.49 -13.69 11.48
CA CYS A 90 -18.08 -12.91 12.64
C CYS A 90 -19.17 -11.89 13.05
N TRP A 91 -19.97 -11.42 12.08
CA TRP A 91 -21.06 -10.47 12.37
C TRP A 91 -22.22 -11.10 13.08
N SER A 92 -22.26 -12.42 13.15
CA SER A 92 -23.37 -13.14 13.84
C SER A 92 -23.18 -13.17 15.37
N LEU A 93 -22.02 -12.75 15.86
CA LEU A 93 -21.64 -12.91 17.28
C LEU A 93 -22.21 -11.78 18.19
N THR A 94 -23.54 -11.68 18.20
CA THR A 94 -24.24 -10.58 18.85
C THR A 94 -24.22 -10.69 20.39
N GLN A 95 -23.61 -11.75 20.90
CA GLN A 95 -23.23 -11.82 22.32
C GLN A 95 -22.20 -10.75 22.69
N TYR A 96 -21.49 -10.20 21.68
CA TYR A 96 -20.54 -9.11 21.88
C TYR A 96 -21.03 -7.84 21.24
N SER A 97 -20.74 -6.71 21.86
CA SER A 97 -21.10 -5.39 21.34
C SER A 97 -20.08 -4.86 20.33
N LYS A 98 -18.85 -5.34 20.43
CA LYS A 98 -17.77 -4.88 19.56
C LYS A 98 -16.66 -5.91 19.55
N CYS A 99 -16.07 -6.16 18.38
CA CYS A 99 -15.03 -7.15 18.24
C CYS A 99 -13.94 -6.65 17.34
N VAL A 100 -12.78 -7.28 17.45
CA VAL A 100 -11.70 -7.13 16.51
C VAL A 100 -11.50 -8.49 15.81
N PHE A 101 -11.73 -8.55 14.51
CA PHE A 101 -11.39 -9.71 13.75
C PHE A 101 -9.90 -9.68 13.41
N MET A 102 -9.22 -10.82 13.63
CA MET A 102 -7.82 -10.98 13.19
C MET A 102 -7.65 -12.28 12.43
N ASP A 103 -7.02 -12.19 11.25
CA ASP A 103 -6.65 -13.34 10.46
C ASP A 103 -5.79 -14.32 11.31
N ALA A 104 -5.90 -15.59 11.03
CA ALA A 104 -5.15 -16.63 11.74
C ALA A 104 -3.64 -16.61 11.43
N ASP A 105 -3.24 -15.89 10.37
CA ASP A 105 -1.83 -15.62 10.06
C ASP A 105 -1.30 -14.29 10.57
N THR A 106 -1.90 -13.78 11.65
CA THR A 106 -1.36 -12.61 12.35
C THR A 106 -0.73 -12.99 13.65
N LEU A 107 0.07 -12.07 14.19
CA LEU A 107 0.78 -12.28 15.41
C LEU A 107 0.86 -10.94 16.13
N VAL A 108 0.49 -10.95 17.41
CA VAL A 108 0.44 -9.73 18.22
C VAL A 108 1.78 -9.52 18.96
N LEU A 109 2.28 -8.29 18.87
CA LEU A 109 3.58 -7.90 19.42
C LEU A 109 3.47 -6.95 20.61
N ALA A 110 2.27 -6.44 20.84
CA ALA A 110 2.00 -5.51 21.94
C ALA A 110 0.51 -5.54 22.22
N ASN A 111 0.11 -5.11 23.42
CA ASN A 111 -1.30 -5.04 23.76
C ASN A 111 -1.99 -4.08 22.78
N ILE A 112 -3.08 -4.54 22.19
CA ILE A 112 -3.83 -3.77 21.24
C ILE A 112 -5.29 -3.62 21.64
N ASP A 113 -5.55 -3.63 22.95
CA ASP A 113 -6.90 -3.42 23.46
C ASP A 113 -7.45 -2.02 23.16
N ASP A 114 -6.57 -1.05 22.88
CA ASP A 114 -7.06 0.28 22.51
C ASP A 114 -7.79 0.33 21.15
N LEU A 115 -7.76 -0.79 20.39
CA LEU A 115 -8.57 -0.92 19.22
C LEU A 115 -10.06 -0.86 19.55
N PHE A 116 -10.43 -1.20 20.77
CA PHE A 116 -11.83 -1.14 21.13
C PHE A 116 -12.37 0.31 21.34
N ASP A 117 -11.47 1.30 21.20
CA ASP A 117 -11.89 2.70 21.14
C ASP A 117 -12.44 3.05 19.77
N ARG A 118 -12.16 2.20 18.77
CA ARG A 118 -12.57 2.45 17.39
CA ARG A 118 -12.57 2.47 17.40
C ARG A 118 -13.99 1.97 17.14
N GLU A 119 -14.54 2.41 16.03
CA GLU A 119 -15.92 2.20 15.66
C GLU A 119 -15.93 1.42 14.31
N GLU A 120 -16.96 0.62 14.06
CA GLU A 120 -17.08 -0.06 12.75
C GLU A 120 -17.19 0.94 11.60
N LEU A 121 -16.53 0.74 10.46
CA LEU A 121 -15.52 -0.32 10.19
C LEU A 121 -14.16 0.34 10.19
N SER A 122 -13.28 -0.05 11.12
CA SER A 122 -11.95 0.50 11.23
C SER A 122 -10.95 -0.60 10.82
N ALA A 123 -10.05 -0.25 9.94
CA ALA A 123 -9.07 -1.16 9.41
C ALA A 123 -7.89 -0.36 8.85
N ALA A 124 -6.76 -1.06 8.68
CA ALA A 124 -5.56 -0.50 8.08
C ALA A 124 -5.57 -0.60 6.56
N PRO A 125 -4.80 0.27 5.89
CA PRO A 125 -4.73 0.20 4.43
C PRO A 125 -4.04 -1.08 3.93
N ASP A 126 -4.46 -1.59 2.79
CA ASP A 126 -3.79 -2.72 2.16
C ASP A 126 -2.62 -2.24 1.28
N PRO A 127 -1.41 -2.80 1.48
CA PRO A 127 -0.30 -2.36 0.61
C PRO A 127 -0.54 -2.59 -0.89
N GLY A 128 -1.27 -3.64 -1.26
CA GLY A 128 -1.55 -3.92 -2.69
C GLY A 128 -2.39 -2.87 -3.43
N TRP A 129 -3.32 -2.27 -2.72
CA TRP A 129 -4.20 -1.22 -3.24
C TRP A 129 -4.66 -0.43 -2.05
N PRO A 130 -3.94 0.65 -1.74
CA PRO A 130 -4.14 1.24 -0.41
C PRO A 130 -5.40 2.09 -0.20
N ASP A 131 -6.23 2.23 -1.22
CA ASP A 131 -7.59 2.76 -1.03
C ASP A 131 -8.58 1.65 -0.64
N CYS A 132 -8.10 0.41 -0.54
CA CYS A 132 -8.83 -0.67 0.08
C CYS A 132 -8.21 -0.91 1.42
N PHE A 133 -9.01 -1.35 2.37
CA PHE A 133 -8.45 -1.79 3.66
C PHE A 133 -8.10 -3.26 3.57
N ASN A 134 -7.10 -3.66 4.35
CA ASN A 134 -6.79 -5.06 4.50
C ASN A 134 -7.75 -5.68 5.53
N SER A 135 -8.38 -6.78 5.16
CA SER A 135 -9.38 -7.43 6.01
C SER A 135 -8.79 -8.42 7.01
N GLY A 136 -7.50 -8.32 7.27
CA GLY A 136 -6.84 -9.22 8.23
C GLY A 136 -6.90 -8.72 9.66
N VAL A 137 -7.21 -7.44 9.86
CA VAL A 137 -7.43 -6.85 11.17
C VAL A 137 -8.50 -5.77 11.06
N PHE A 138 -9.62 -5.94 11.71
CA PHE A 138 -10.64 -4.89 11.63
C PHE A 138 -11.53 -4.86 12.82
N VAL A 139 -12.01 -3.66 13.14
CA VAL A 139 -12.91 -3.44 14.27
C VAL A 139 -14.32 -3.35 13.74
N TYR A 140 -15.22 -4.19 14.26
CA TYR A 140 -16.59 -4.24 13.80
C TYR A 140 -17.58 -4.42 14.94
N GLN A 141 -18.86 -4.23 14.62
CA GLN A 141 -19.96 -4.38 15.56
C GLN A 141 -20.85 -5.54 15.10
N PRO A 142 -20.87 -6.65 15.85
CA PRO A 142 -21.80 -7.71 15.47
C PRO A 142 -23.24 -7.20 15.34
N SER A 143 -23.93 -7.69 14.34
CA SER A 143 -25.26 -7.23 14.03
C SER A 143 -25.96 -8.21 13.12
N VAL A 144 -27.17 -8.59 13.50
CA VAL A 144 -27.96 -9.46 12.66
C VAL A 144 -28.29 -8.80 11.32
N GLU A 145 -28.54 -7.49 11.36
CA GLU A 145 -28.79 -6.67 10.17
C GLU A 145 -27.56 -6.74 9.22
N THR A 146 -26.40 -6.30 9.71
CA THR A 146 -25.17 -6.31 8.89
C THR A 146 -24.80 -7.74 8.40
N TYR A 147 -24.89 -8.71 9.28
CA TYR A 147 -24.62 -10.10 8.93
C TYR A 147 -25.43 -10.51 7.72
N ASN A 148 -26.75 -10.28 7.78
CA ASN A 148 -27.61 -10.75 6.69
C ASN A 148 -27.43 -9.93 5.42
N GLN A 149 -27.12 -8.64 5.57
CA GLN A 149 -26.81 -7.82 4.41
C GLN A 149 -25.57 -8.34 3.70
N LEU A 150 -24.54 -8.69 4.48
CA LEU A 150 -23.30 -9.21 3.89
C LEU A 150 -23.54 -10.55 3.21
N LEU A 151 -24.28 -11.45 3.86
CA LEU A 151 -24.60 -12.75 3.23
C LEU A 151 -25.32 -12.57 1.91
N HIS A 152 -26.27 -11.66 1.89
CA HIS A 152 -27.05 -11.39 0.69
C HIS A 152 -26.18 -10.84 -0.39
N LEU A 153 -25.35 -9.87 -0.07
CA LEU A 153 -24.44 -9.26 -1.06
CA LEU A 153 -24.46 -9.27 -1.08
C LEU A 153 -23.54 -10.36 -1.66
N ALA A 154 -23.03 -11.24 -0.79
CA ALA A 154 -22.15 -12.33 -1.24
C ALA A 154 -22.87 -13.28 -2.18
N SER A 155 -24.13 -13.59 -1.86
CA SER A 155 -24.94 -14.49 -2.72
C SER A 155 -25.30 -13.87 -4.06
N GLU A 156 -25.61 -12.57 -4.05
CA GLU A 156 -26.15 -11.85 -5.19
C GLU A 156 -25.04 -11.37 -6.13
N GLN A 157 -23.96 -10.85 -5.53
CA GLN A 157 -22.88 -10.20 -6.27
C GLN A 157 -21.51 -10.91 -6.19
N GLY A 158 -21.29 -11.72 -5.16
CA GLY A 158 -19.98 -12.31 -4.92
C GLY A 158 -19.01 -11.24 -4.43
N SER A 159 -17.74 -11.48 -4.69
CA SER A 159 -16.65 -10.59 -4.22
C SER A 159 -15.72 -10.31 -5.37
N PHE A 160 -15.24 -9.07 -5.51
CA PHE A 160 -14.35 -8.75 -6.65
C PHE A 160 -12.99 -9.50 -6.63
N ASP A 161 -12.56 -10.01 -5.45
CA ASP A 161 -11.37 -10.82 -5.39
C ASP A 161 -11.64 -12.28 -5.05
N GLY A 162 -12.92 -12.67 -5.02
CA GLY A 162 -13.31 -14.04 -4.71
C GLY A 162 -13.19 -14.42 -3.22
N GLY A 163 -12.74 -13.48 -2.39
CA GLY A 163 -12.62 -13.71 -0.96
C GLY A 163 -13.33 -12.65 -0.12
N ASP A 164 -13.10 -12.65 1.18
CA ASP A 164 -13.83 -11.72 2.02
C ASP A 164 -13.42 -10.27 1.78
N GLN A 165 -12.18 -10.04 1.34
CA GLN A 165 -11.69 -8.65 1.33
C GLN A 165 -12.40 -7.83 0.30
N GLY A 166 -12.72 -8.43 -0.85
CA GLY A 166 -13.40 -7.68 -1.90
C GLY A 166 -14.78 -7.29 -1.46
N ILE A 167 -15.53 -8.26 -0.98
CA ILE A 167 -16.89 -7.98 -0.56
C ILE A 167 -16.93 -7.01 0.64
N LEU A 168 -16.03 -7.15 1.61
CA LEU A 168 -16.00 -6.22 2.74
C LEU A 168 -15.66 -4.77 2.31
N ASN A 169 -14.73 -4.62 1.37
CA ASN A 169 -14.42 -3.29 0.80
C ASN A 169 -15.58 -2.68 0.02
N THR A 170 -16.29 -3.52 -0.71
CA THR A 170 -17.48 -3.08 -1.43
C THR A 170 -18.59 -2.67 -0.48
N PHE A 171 -18.80 -3.44 0.59
CA PHE A 171 -19.85 -3.12 1.54
C PHE A 171 -19.51 -1.84 2.31
N PHE A 172 -18.30 -1.79 2.82
CA PHE A 172 -17.81 -0.66 3.59
C PHE A 172 -17.00 0.25 2.67
N SER A 173 -17.69 0.78 1.66
CA SER A 173 -17.04 1.50 0.59
C SER A 173 -16.63 2.94 0.95
N SER A 174 -17.10 3.47 2.07
CA SER A 174 -16.72 4.83 2.49
C SER A 174 -15.34 4.91 3.16
N TRP A 175 -14.71 3.76 3.42
CA TRP A 175 -13.48 3.75 4.23
C TRP A 175 -12.36 4.70 3.70
N ALA A 176 -12.08 4.68 2.40
CA ALA A 176 -10.95 5.44 1.87
C ALA A 176 -11.14 6.95 1.99
N THR A 177 -12.39 7.41 1.99
CA THR A 177 -12.68 8.85 1.86
C THR A 177 -13.38 9.50 3.05
N THR A 178 -13.77 8.71 4.04
CA THR A 178 -14.57 9.21 5.15
C THR A 178 -14.02 8.74 6.48
N ASP A 179 -13.82 9.69 7.37
CA ASP A 179 -13.47 9.43 8.76
C ASP A 179 -12.10 8.81 8.95
N ILE A 180 -11.11 9.66 9.01
CA ILE A 180 -9.74 9.23 9.19
C ILE A 180 -9.51 8.40 10.48
N ARG A 181 -10.37 8.52 11.47
CA ARG A 181 -10.25 7.68 12.70
C ARG A 181 -10.50 6.20 12.42
N LYS A 182 -11.19 5.90 11.33
CA LYS A 182 -11.44 4.51 10.92
C LYS A 182 -10.27 3.93 10.11
N HIS A 183 -9.25 4.76 9.86
CA HIS A 183 -7.95 4.27 9.38
C HIS A 183 -7.06 3.84 10.50
N LEU A 184 -6.96 2.53 10.73
CA LEU A 184 -6.01 2.06 11.75
C LEU A 184 -4.60 2.34 11.22
N PRO A 185 -3.73 2.81 12.07
CA PRO A 185 -2.32 2.85 11.71
C PRO A 185 -1.79 1.52 11.21
N PHE A 186 -0.91 1.60 10.23
CA PHE A 186 -0.40 0.46 9.55
C PHE A 186 0.32 -0.51 10.50
N ILE A 187 0.86 0.03 11.58
CA ILE A 187 1.48 -0.78 12.63
C ILE A 187 0.53 -1.76 13.35
N TYR A 188 -0.80 -1.58 13.19
CA TYR A 188 -1.77 -2.57 13.67
C TYR A 188 -2.04 -3.72 12.66
N ASN A 189 -1.39 -3.70 11.50
CA ASN A 189 -1.54 -4.73 10.48
C ASN A 189 -0.40 -4.61 9.50
N LEU A 190 0.78 -4.89 10.03
CA LEU A 190 2.00 -4.72 9.26
C LEU A 190 2.29 -5.97 8.44
N SER A 191 2.01 -5.88 7.12
CA SER A 191 2.27 -6.97 6.20
C SER A 191 3.76 -7.10 5.97
N SER A 192 4.28 -8.32 6.00
CA SER A 192 5.73 -8.52 5.69
C SER A 192 6.10 -7.98 4.30
N ILE A 193 5.11 -7.84 3.39
CA ILE A 193 5.37 -7.28 2.06
C ILE A 193 5.88 -5.83 2.16
N SER A 194 5.36 -5.07 3.11
CA SER A 194 5.79 -3.67 3.28
C SER A 194 7.23 -3.51 3.79
N ILE A 195 7.66 -4.42 4.65
CA ILE A 195 9.01 -4.39 5.17
C ILE A 195 10.01 -4.57 4.03
N TYR A 196 9.74 -5.59 3.21
CA TYR A 196 10.57 -5.91 2.06
C TYR A 196 10.57 -4.80 0.99
N SER A 197 9.41 -4.22 0.75
CA SER A 197 9.23 -3.24 -0.31
C SER A 197 9.78 -1.82 -0.05
N TYR A 198 9.73 -1.36 1.19
CA TYR A 198 10.22 -0.02 1.50
C TYR A 198 10.92 -0.09 2.85
N LEU A 199 12.08 -0.73 2.84
CA LEU A 199 12.84 -1.00 4.07
C LEU A 199 13.21 0.28 4.85
N PRO A 200 13.55 1.40 4.14
CA PRO A 200 13.78 2.61 4.94
C PRO A 200 12.64 3.01 5.87
N ALA A 201 11.38 2.83 5.42
CA ALA A 201 10.24 3.15 6.25
C ALA A 201 10.14 2.18 7.41
N PHE A 202 10.33 0.88 7.15
CA PHE A 202 10.32 -0.06 8.25
C PHE A 202 11.43 0.27 9.26
N LYS A 203 12.61 0.64 8.78
CA LYS A 203 13.70 0.96 9.70
C LYS A 203 13.37 2.11 10.70
N VAL A 204 12.58 3.11 10.26
CA VAL A 204 12.26 4.27 11.11
CA VAL A 204 12.24 4.26 11.11
C VAL A 204 10.91 4.10 11.87
N PHE A 205 9.96 3.34 11.31
CA PHE A 205 8.62 3.19 11.90
C PHE A 205 8.34 1.81 12.49
N GLY A 206 9.10 0.80 12.04
CA GLY A 206 8.82 -0.60 12.34
C GLY A 206 9.00 -1.04 13.79
N ALA A 207 9.81 -0.30 14.56
CA ALA A 207 9.98 -0.57 16.00
C ALA A 207 8.67 -0.42 16.79
N SER A 208 7.74 0.38 16.27
CA SER A 208 6.45 0.59 16.89
C SER A 208 5.41 -0.49 16.48
N ALA A 209 5.83 -1.49 15.69
CA ALA A 209 4.89 -2.52 15.18
C ALA A 209 4.13 -3.18 16.31
N LYS A 210 2.80 -3.30 16.14
CA LYS A 210 1.94 -3.93 17.12
C LYS A 210 1.42 -5.27 16.67
N VAL A 211 1.23 -5.44 15.36
CA VAL A 211 0.74 -6.68 14.78
C VAL A 211 1.46 -6.92 13.49
N VAL A 212 1.98 -8.15 13.30
CA VAL A 212 2.57 -8.51 12.02
CA VAL A 212 2.54 -8.49 12.02
C VAL A 212 1.63 -9.50 11.33
N HIS A 213 1.52 -9.35 10.04
CA HIS A 213 0.58 -10.15 9.20
C HIS A 213 1.35 -10.87 8.14
N PHE A 214 1.41 -12.20 8.26
CA PHE A 214 2.18 -13.07 7.31
C PHE A 214 1.39 -13.37 6.04
N LEU A 215 0.97 -12.30 5.40
CA LEU A 215 0.15 -12.31 4.21
C LEU A 215 0.91 -12.99 3.10
N GLY A 216 0.20 -13.82 2.31
CA GLY A 216 0.82 -14.51 1.16
C GLY A 216 0.69 -16.01 1.24
N ARG A 217 1.00 -16.68 0.13
CA ARG A 217 0.75 -18.13 0.02
C ARG A 217 1.53 -18.99 1.04
N VAL A 218 2.78 -18.63 1.31
CA VAL A 218 3.62 -19.36 2.23
C VAL A 218 3.43 -18.82 3.64
N LYS A 219 2.98 -19.69 4.55
CA LYS A 219 2.64 -19.28 5.91
C LYS A 219 3.71 -19.72 6.89
N PRO A 220 3.72 -19.14 8.10
CA PRO A 220 4.78 -19.50 9.03
C PRO A 220 4.90 -21.03 9.23
N TRP A 221 3.75 -21.71 9.31
CA TRP A 221 3.70 -23.13 9.58
C TRP A 221 4.16 -23.99 8.39
N ASN A 222 4.48 -23.37 7.25
CA ASN A 222 5.04 -24.08 6.10
C ASN A 222 6.57 -24.06 6.07
N TYR A 223 7.20 -23.35 7.01
CA TYR A 223 8.67 -23.39 7.13
C TYR A 223 9.17 -24.55 7.96
N THR A 224 10.43 -24.91 7.73
CA THR A 224 11.14 -25.93 8.53
C THR A 224 11.98 -25.14 9.53
N TYR A 225 11.62 -25.29 10.81
CA TYR A 225 12.21 -24.54 11.90
C TYR A 225 13.08 -25.48 12.75
N ASP A 226 14.29 -25.03 13.06
CA ASP A 226 15.20 -25.70 13.99
C ASP A 226 15.20 -24.98 15.36
N PRO A 227 14.56 -25.59 16.37
CA PRO A 227 14.51 -24.94 17.67
C PRO A 227 15.87 -24.86 18.39
N LYS A 228 16.84 -25.67 17.97
CA LYS A 228 18.14 -25.65 18.65
C LYS A 228 18.87 -24.36 18.35
N THR A 229 18.88 -23.95 17.09
CA THR A 229 19.56 -22.73 16.67
C THR A 229 18.63 -21.53 16.46
N LYS A 230 17.32 -21.80 16.40
CA LYS A 230 16.29 -20.76 16.14
C LYS A 230 16.39 -20.17 14.73
N SER A 231 16.40 -21.07 13.76
CA SER A 231 16.46 -20.69 12.37
C SER A 231 15.51 -21.46 11.55
N VAL A 232 15.18 -20.91 10.37
CA VAL A 232 14.39 -21.61 9.40
C VAL A 232 15.24 -21.84 8.16
N LYS A 233 14.87 -22.83 7.35
CA LYS A 233 15.34 -22.91 5.97
C LYS A 233 14.50 -21.92 5.17
N SER A 234 15.13 -21.21 4.23
CA SER A 234 14.43 -20.26 3.36
C SER A 234 14.92 -20.35 1.90
N GLU A 235 14.08 -19.90 0.97
CA GLU A 235 14.41 -19.88 -0.46
C GLU A 235 14.53 -18.43 -0.96
N ALA A 236 14.95 -18.26 -2.21
CA ALA A 236 15.16 -16.91 -2.77
C ALA A 236 13.85 -16.12 -2.85
N HIS A 237 13.96 -14.79 -2.79
CA HIS A 237 12.82 -13.86 -2.93
C HIS A 237 11.74 -14.12 -1.91
N ASP A 238 12.06 -13.91 -0.63
CA ASP A 238 11.15 -14.18 0.46
C ASP A 238 11.03 -12.95 1.39
N PRO A 239 9.96 -12.12 1.20
CA PRO A 239 9.80 -10.91 2.04
C PRO A 239 9.73 -11.21 3.54
N ASN A 240 9.38 -12.45 3.90
CA ASN A 240 9.41 -12.87 5.30
C ASN A 240 10.81 -12.87 5.89
N MET A 241 11.85 -12.91 5.04
CA MET A 241 13.23 -12.99 5.53
C MET A 241 13.97 -11.65 5.49
N THR A 242 13.26 -10.58 5.15
CA THR A 242 13.83 -9.24 5.24
C THR A 242 14.08 -8.90 6.70
N HIS A 243 13.05 -9.12 7.52
CA HIS A 243 13.16 -9.01 8.97
C HIS A 243 12.68 -10.32 9.53
N PRO A 244 13.54 -11.37 9.49
CA PRO A 244 13.07 -12.72 9.83
C PRO A 244 12.72 -12.90 11.30
N GLU A 245 13.02 -11.91 12.18
CA GLU A 245 12.73 -12.08 13.62
C GLU A 245 11.24 -12.27 13.87
N PHE A 246 10.37 -11.72 13.01
CA PHE A 246 8.90 -11.94 13.21
C PHE A 246 8.52 -13.42 12.98
N LEU A 247 9.05 -14.03 11.92
CA LEU A 247 8.86 -15.46 11.65
C LEU A 247 9.46 -16.32 12.73
N ILE A 248 10.67 -15.98 13.20
CA ILE A 248 11.26 -16.74 14.33
C ILE A 248 10.44 -16.57 15.62
N LEU A 249 9.93 -15.35 15.88
CA LEU A 249 9.03 -15.15 17.05
C LEU A 249 7.80 -16.06 16.97
N TRP A 250 7.19 -16.12 15.78
CA TRP A 250 6.05 -17.03 15.53
C TRP A 250 6.42 -18.44 15.96
N TRP A 251 7.55 -18.90 15.46
CA TRP A 251 8.05 -20.26 15.77
C TRP A 251 8.45 -20.45 17.20
N ASN A 252 8.96 -19.42 17.85
CA ASN A 252 9.29 -19.55 19.23
C ASN A 252 8.02 -19.74 20.08
N ILE A 253 7.00 -18.93 19.81
CA ILE A 253 5.70 -19.06 20.48
C ILE A 253 5.09 -20.42 20.18
N PHE A 254 5.11 -20.83 18.93
CA PHE A 254 4.61 -22.17 18.61
C PHE A 254 5.35 -23.26 19.39
N THR A 255 6.66 -23.23 19.35
CA THR A 255 7.47 -24.30 19.92
C THR A 255 7.37 -24.35 21.45
N THR A 256 7.28 -23.18 22.09
CA THR A 256 7.31 -23.08 23.57
C THR A 256 5.92 -23.14 24.19
N ASN A 257 4.95 -22.48 23.56
CA ASN A 257 3.62 -22.30 24.18
C ASN A 257 2.51 -23.13 23.56
N VAL A 258 2.61 -23.43 22.28
CA VAL A 258 1.56 -24.21 21.65
C VAL A 258 1.90 -25.67 21.62
N LEU A 259 3.16 -26.00 21.37
CA LEU A 259 3.55 -27.38 21.23
C LEU A 259 3.20 -28.21 22.52
N PRO A 260 3.39 -27.63 23.74
CA PRO A 260 2.98 -28.42 24.94
C PRO A 260 1.46 -28.71 25.03
N LEU A 261 0.65 -27.80 24.49
CA LEU A 261 -0.82 -27.98 24.49
C LEU A 261 -1.27 -29.05 23.49
N LEU A 262 -0.40 -29.40 22.53
CA LEU A 262 -0.71 -30.41 21.51
C LEU A 262 -0.44 -31.84 22.02
N GLN A 263 0.17 -31.95 23.21
CA GLN A 263 0.49 -33.25 23.81
C GLN A 263 -0.79 -34.07 24.04
N SER B 1 -9.56 27.47 -14.76
CA SER B 1 -8.46 28.33 -15.31
C SER B 1 -7.76 29.10 -14.19
N MET B 2 -6.44 29.01 -14.16
CA MET B 2 -5.65 29.70 -13.14
C MET B 2 -4.22 29.97 -13.61
N THR B 3 -3.95 31.23 -13.96
CA THR B 3 -2.60 31.65 -14.37
C THR B 3 -1.62 31.70 -13.16
N ASP B 4 -2.16 31.65 -11.94
CA ASP B 4 -1.36 31.65 -10.71
C ASP B 4 -1.16 30.24 -10.14
N GLN B 5 -1.55 29.21 -10.90
CA GLN B 5 -1.39 27.79 -10.47
C GLN B 5 -0.65 27.03 -11.54
N ALA B 6 0.16 26.04 -11.11
CA ALA B 6 0.95 25.26 -12.03
C ALA B 6 1.12 23.80 -11.67
N PHE B 7 1.29 22.98 -12.69
CA PHE B 7 1.92 21.67 -12.55
C PHE B 7 3.43 21.86 -12.66
N VAL B 8 4.15 21.16 -11.81
CA VAL B 8 5.61 21.28 -11.69
C VAL B 8 6.24 19.90 -11.74
N THR B 9 7.26 19.74 -12.60
CA THR B 9 8.09 18.51 -12.61
C THR B 9 9.58 18.85 -12.54
N LEU B 10 10.41 17.81 -12.53
CA LEU B 10 11.85 17.92 -12.28
C LEU B 10 12.60 16.99 -13.20
N THR B 11 13.66 17.50 -13.83
CA THR B 11 14.64 16.63 -14.43
C THR B 11 16.06 17.11 -14.24
N THR B 12 16.94 16.20 -13.80
CA THR B 12 18.33 16.51 -13.63
C THR B 12 19.18 16.01 -14.82
N ASN B 13 18.57 15.34 -15.82
CA ASN B 13 19.32 14.87 -16.96
C ASN B 13 18.44 14.72 -18.20
N ASP B 14 19.04 14.36 -19.32
CA ASP B 14 18.32 14.24 -20.57
C ASP B 14 17.43 12.97 -20.64
N ALA B 15 17.71 11.96 -19.80
CA ALA B 15 16.92 10.74 -19.76
C ALA B 15 15.55 11.02 -19.10
N TYR B 16 15.59 11.56 -17.90
CA TYR B 16 14.32 11.95 -17.23
C TYR B 16 13.61 13.07 -17.96
N ALA B 17 14.33 13.86 -18.75
CA ALA B 17 13.68 14.86 -19.58
C ALA B 17 12.72 14.25 -20.57
N LYS B 18 13.00 13.06 -21.08
CA LYS B 18 12.06 12.39 -21.95
C LYS B 18 10.75 12.13 -21.20
N GLY B 19 10.88 11.71 -19.96
CA GLY B 19 9.71 11.57 -19.10
C GLY B 19 8.95 12.88 -18.91
N ALA B 20 9.66 13.95 -18.58
CA ALA B 20 9.02 15.24 -18.39
C ALA B 20 8.26 15.68 -19.62
N LEU B 21 8.87 15.46 -20.79
CA LEU B 21 8.26 15.86 -22.06
C LEU B 21 6.95 15.05 -22.31
N VAL B 22 6.97 13.76 -22.03
CA VAL B 22 5.78 12.94 -22.20
C VAL B 22 4.71 13.36 -21.16
N LEU B 23 5.09 13.61 -19.91
CA LEU B 23 4.17 14.11 -18.89
C LEU B 23 3.50 15.39 -19.35
N GLY B 24 4.31 16.37 -19.77
CA GLY B 24 3.76 17.69 -20.15
C GLY B 24 2.85 17.54 -21.37
N SER B 25 3.26 16.70 -22.33
CA SER B 25 2.44 16.38 -23.51
CA SER B 25 2.43 16.42 -23.49
C SER B 25 1.08 15.83 -23.07
N SER B 26 1.09 14.92 -22.11
CA SER B 26 -0.15 14.32 -21.61
C SER B 26 -1.05 15.32 -20.88
N LEU B 27 -0.47 16.27 -20.17
CA LEU B 27 -1.23 17.31 -19.50
C LEU B 27 -1.90 18.25 -20.52
N LYS B 28 -1.18 18.53 -21.61
CA LYS B 28 -1.80 19.27 -22.73
C LYS B 28 -2.93 18.47 -23.43
N GLN B 29 -2.71 17.18 -23.64
CA GLN B 29 -3.69 16.28 -24.27
C GLN B 29 -5.02 16.37 -23.51
N HIS B 30 -4.96 16.47 -22.17
CA HIS B 30 -6.17 16.48 -21.35
C HIS B 30 -6.60 17.87 -20.94
N ARG B 31 -6.15 18.87 -21.70
CA ARG B 31 -6.70 20.25 -21.63
C ARG B 31 -6.51 20.94 -20.30
N THR B 32 -5.35 20.81 -19.69
CA THR B 32 -5.18 21.56 -18.50
C THR B 32 -5.29 23.06 -18.79
N THR B 33 -5.85 23.79 -17.85
CA THR B 33 -5.87 25.25 -17.92
C THR B 33 -4.82 25.91 -17.03
N ARG B 34 -3.94 25.13 -16.41
CA ARG B 34 -2.88 25.67 -15.58
C ARG B 34 -1.55 25.78 -16.31
N ARG B 35 -0.62 26.49 -15.72
CA ARG B 35 0.73 26.57 -16.28
C ARG B 35 1.50 25.24 -16.08
N LEU B 36 2.48 25.01 -16.95
CA LEU B 36 3.37 23.85 -16.90
C LEU B 36 4.79 24.32 -16.69
N VAL B 37 5.41 23.83 -15.62
CA VAL B 37 6.74 24.26 -15.16
C VAL B 37 7.65 23.05 -15.02
N VAL B 38 8.90 23.15 -15.47
CA VAL B 38 9.89 22.11 -15.22
C VAL B 38 11.12 22.72 -14.57
N LEU B 39 11.52 22.14 -13.44
CA LEU B 39 12.80 22.44 -12.76
C LEU B 39 13.87 21.60 -13.45
N ALA B 40 14.95 22.24 -13.92
CA ALA B 40 16.01 21.54 -14.65
C ALA B 40 17.35 21.94 -14.07
N THR B 41 18.31 21.04 -14.08
CA THR B 41 19.63 21.29 -13.50
C THR B 41 20.69 21.36 -14.61
N PRO B 42 21.92 21.78 -14.28
CA PRO B 42 22.92 22.02 -15.34
C PRO B 42 23.28 20.83 -16.24
N GLN B 43 23.03 19.60 -15.80
CA GLN B 43 23.37 18.43 -16.60
CA GLN B 43 23.35 18.40 -16.59
C GLN B 43 22.39 18.24 -17.77
N VAL B 44 21.24 18.93 -17.73
CA VAL B 44 20.30 18.92 -18.85
C VAL B 44 20.94 19.71 -19.98
N SER B 45 21.03 19.09 -21.15
CA SER B 45 21.76 19.72 -22.27
C SER B 45 21.03 20.98 -22.74
N ASP B 46 21.78 21.93 -23.34
CA ASP B 46 21.15 23.15 -23.88
C ASP B 46 20.08 22.82 -24.93
N SER B 47 20.33 21.84 -25.81
CA SER B 47 19.35 21.46 -26.82
C SER B 47 18.10 20.90 -26.18
N MET B 48 18.27 20.11 -25.12
CA MET B 48 17.13 19.58 -24.38
C MET B 48 16.36 20.66 -23.63
N ARG B 49 17.06 21.65 -23.06
CA ARG B 49 16.35 22.78 -22.39
C ARG B 49 15.45 23.49 -23.39
N LYS B 50 15.93 23.66 -24.63
CA LYS B 50 15.15 24.33 -25.66
C LYS B 50 13.90 23.52 -26.01
N VAL B 51 14.03 22.21 -26.08
CA VAL B 51 12.88 21.34 -26.35
C VAL B 51 11.90 21.42 -25.18
N LEU B 52 12.42 21.42 -23.96
CA LEU B 52 11.52 21.54 -22.80
C LEU B 52 10.71 22.86 -22.85
N GLU B 53 11.29 23.91 -23.41
CA GLU B 53 10.58 25.19 -23.56
C GLU B 53 9.38 25.09 -24.53
N THR B 54 9.34 24.10 -25.42
CA THR B 54 8.14 23.90 -26.29
C THR B 54 6.92 23.33 -25.56
N VAL B 55 7.16 22.48 -24.56
CA VAL B 55 6.08 21.85 -23.82
C VAL B 55 5.75 22.64 -22.57
N PHE B 56 6.80 23.11 -21.89
CA PHE B 56 6.62 23.76 -20.64
C PHE B 56 6.59 25.27 -20.79
N ASP B 57 5.69 25.91 -20.06
CA ASP B 57 5.57 27.39 -20.05
C ASP B 57 6.81 28.05 -19.44
N GLU B 58 7.37 27.41 -18.39
CA GLU B 58 8.64 27.84 -17.74
C GLU B 58 9.60 26.66 -17.58
N VAL B 59 10.85 26.88 -17.93
CA VAL B 59 11.95 25.99 -17.62
C VAL B 59 12.83 26.76 -16.65
N ILE B 60 12.89 26.30 -15.41
CA ILE B 60 13.55 27.01 -14.33
C ILE B 60 14.80 26.24 -13.96
N MET B 61 15.94 26.89 -14.12
CA MET B 61 17.21 26.26 -13.79
C MET B 61 17.49 26.38 -12.31
N VAL B 62 17.84 25.26 -11.68
CA VAL B 62 18.17 25.19 -10.27
C VAL B 62 19.39 24.35 -10.06
N ASP B 63 19.99 24.48 -8.88
CA ASP B 63 21.14 23.68 -8.51
C ASP B 63 20.68 22.30 -8.05
N VAL B 64 21.47 21.28 -8.37
CA VAL B 64 21.27 19.96 -7.82
C VAL B 64 21.42 20.00 -6.30
N LEU B 65 20.46 19.40 -5.59
CA LEU B 65 20.62 19.09 -4.19
C LEU B 65 20.72 17.57 -4.07
N ASP B 66 21.75 17.09 -3.38
CA ASP B 66 22.06 15.69 -3.32
C ASP B 66 22.20 15.27 -1.83
N SER B 67 21.47 14.24 -1.41
CA SER B 67 21.59 13.74 -0.02
C SER B 67 22.95 13.16 0.30
N GLY B 68 23.60 12.59 -0.71
CA GLY B 68 24.83 11.80 -0.50
C GLY B 68 24.65 10.60 0.40
N ASP B 69 23.39 10.20 0.63
CA ASP B 69 23.05 9.23 1.65
C ASP B 69 23.09 7.82 1.08
N SER B 70 24.30 7.33 0.84
CA SER B 70 24.47 6.02 0.22
C SER B 70 23.88 4.89 1.04
N ALA B 71 23.96 4.99 2.37
CA ALA B 71 23.45 3.96 3.28
C ALA B 71 21.95 3.71 3.05
N HIS B 72 21.14 4.78 3.05
CA HIS B 72 19.69 4.61 2.90
C HIS B 72 19.31 4.34 1.49
N LEU B 73 19.98 4.98 0.53
CA LEU B 73 19.70 4.73 -0.88
C LEU B 73 19.96 3.25 -1.27
N THR B 74 21.05 2.65 -0.76
CA THR B 74 21.34 1.23 -1.02
C THR B 74 20.29 0.26 -0.40
N LEU B 75 19.65 0.66 0.71
CA LEU B 75 18.53 -0.15 1.27
C LEU B 75 17.40 -0.39 0.27
N MET B 76 17.20 0.56 -0.67
CA MET B 76 16.18 0.43 -1.69
C MET B 76 16.75 0.02 -3.02
N LYS B 77 18.06 -0.24 -3.05
CA LYS B 77 18.78 -0.48 -4.29
C LYS B 77 18.46 0.59 -5.36
N ARG B 78 18.46 1.84 -4.91
CA ARG B 78 18.29 2.99 -5.82
C ARG B 78 19.38 4.01 -5.51
N PRO B 79 20.65 3.61 -5.79
CA PRO B 79 21.76 4.46 -5.39
C PRO B 79 21.79 5.82 -6.08
N GLU B 80 21.02 5.97 -7.16
CA GLU B 80 21.01 7.17 -7.95
C GLU B 80 20.07 8.25 -7.43
N LEU B 81 19.23 7.94 -6.44
CA LEU B 81 18.11 8.83 -6.09
C LEU B 81 18.44 9.93 -5.08
N GLY B 82 19.71 10.11 -4.73
CA GLY B 82 20.08 11.18 -3.83
C GLY B 82 19.80 12.55 -4.38
N VAL B 83 19.80 12.67 -5.70
CA VAL B 83 19.54 13.94 -6.37
C VAL B 83 18.03 14.34 -6.31
N THR B 84 17.16 13.47 -5.77
CA THR B 84 15.76 13.82 -5.66
C THR B 84 15.48 14.91 -4.61
N LEU B 85 16.45 15.23 -3.75
CA LEU B 85 16.31 16.39 -2.87
C LEU B 85 16.13 17.70 -3.67
N THR B 86 16.57 17.71 -4.93
CA THR B 86 16.35 18.84 -5.83
C THR B 86 14.88 19.21 -5.96
N LYS B 87 13.98 18.22 -5.74
CA LYS B 87 12.55 18.48 -5.73
C LYS B 87 12.15 19.62 -4.77
N LEU B 88 12.93 19.81 -3.70
CA LEU B 88 12.58 20.78 -2.67
C LEU B 88 12.51 22.21 -3.20
N HIS B 89 13.22 22.47 -4.30
CA HIS B 89 13.12 23.76 -4.98
C HIS B 89 11.74 24.09 -5.44
N CYS B 90 10.85 23.10 -5.56
CA CYS B 90 9.49 23.42 -5.98
C CYS B 90 8.79 24.44 -5.04
N TRP B 91 9.16 24.46 -3.75
CA TRP B 91 8.57 25.41 -2.78
C TRP B 91 9.07 26.83 -2.96
N SER B 92 10.12 27.05 -3.76
CA SER B 92 10.59 28.44 -4.07
C SER B 92 9.73 29.19 -5.09
N LEU B 93 8.78 28.47 -5.75
CA LEU B 93 8.06 29.02 -6.89
C LEU B 93 6.88 29.96 -6.44
N THR B 94 7.22 31.02 -5.71
CA THR B 94 6.23 31.91 -5.11
C THR B 94 5.48 32.80 -6.13
N GLN B 95 5.84 32.70 -7.39
CA GLN B 95 5.05 33.28 -8.46
C GLN B 95 3.68 32.53 -8.59
N TYR B 96 3.60 31.32 -8.04
CA TYR B 96 2.33 30.55 -7.99
C TYR B 96 1.79 30.45 -6.58
N SER B 97 0.46 30.52 -6.46
CA SER B 97 -0.23 30.37 -5.16
C SER B 97 -0.42 28.94 -4.75
N LYS B 98 -0.50 28.05 -5.74
CA LYS B 98 -0.66 26.62 -5.50
C LYS B 98 -0.20 25.81 -6.70
N CYS B 99 0.44 24.67 -6.44
CA CYS B 99 1.01 23.85 -7.50
C CYS B 99 0.77 22.38 -7.23
N VAL B 100 0.78 21.58 -8.30
CA VAL B 100 0.86 20.16 -8.18
C VAL B 100 2.25 19.73 -8.66
N PHE B 101 3.02 19.10 -7.79
CA PHE B 101 4.24 18.50 -8.22
C PHE B 101 3.96 17.11 -8.80
N MET B 102 4.55 16.78 -9.95
CA MET B 102 4.46 15.44 -10.51
C MET B 102 5.84 14.95 -10.93
N ASP B 103 6.18 13.73 -10.54
CA ASP B 103 7.40 13.06 -10.97
C ASP B 103 7.50 12.97 -12.48
N ALA B 104 8.71 13.00 -13.02
CA ALA B 104 8.91 12.93 -14.48
C ALA B 104 8.59 11.54 -15.07
N ASP B 105 8.40 10.51 -14.20
CA ASP B 105 7.97 9.20 -14.62
C ASP B 105 6.47 8.96 -14.38
N THR B 106 5.69 10.02 -14.45
CA THR B 106 4.25 9.90 -14.40
C THR B 106 3.66 10.23 -15.73
N LEU B 107 2.39 9.87 -15.89
CA LEU B 107 1.68 10.02 -17.15
C LEU B 107 0.21 10.28 -16.83
N VAL B 108 -0.32 11.37 -17.39
CA VAL B 108 -1.70 11.78 -17.11
C VAL B 108 -2.67 11.15 -18.12
N LEU B 109 -3.74 10.55 -17.58
CA LEU B 109 -4.73 9.83 -18.36
C LEU B 109 -6.08 10.52 -18.46
N ALA B 110 -6.28 11.55 -17.66
CA ALA B 110 -7.50 12.31 -17.60
C ALA B 110 -7.21 13.69 -17.06
N ASN B 111 -8.09 14.67 -17.30
CA ASN B 111 -7.85 16.01 -16.73
C ASN B 111 -7.89 15.89 -15.21
N ILE B 112 -6.90 16.49 -14.55
CA ILE B 112 -6.74 16.43 -13.12
C ILE B 112 -6.63 17.82 -12.50
N ASP B 113 -7.21 18.83 -13.17
CA ASP B 113 -7.19 20.20 -12.64
C ASP B 113 -7.98 20.30 -11.33
N ASP B 114 -8.87 19.34 -11.08
CA ASP B 114 -9.58 19.36 -9.81
C ASP B 114 -8.66 19.14 -8.56
N LEU B 115 -7.40 18.77 -8.79
CA LEU B 115 -6.44 18.72 -7.70
C LEU B 115 -6.21 20.06 -7.06
N PHE B 116 -6.48 21.12 -7.80
CA PHE B 116 -6.27 22.46 -7.28
C PHE B 116 -7.31 22.93 -6.24
N ASP B 117 -8.36 22.11 -6.07
CA ASP B 117 -9.31 22.23 -4.97
C ASP B 117 -8.70 21.78 -3.64
N ARG B 118 -7.57 21.06 -3.69
CA ARG B 118 -6.93 20.54 -2.47
C ARG B 118 -5.96 21.56 -1.85
N GLU B 119 -5.60 21.33 -0.58
CA GLU B 119 -4.68 22.19 0.19
C GLU B 119 -3.39 21.44 0.50
N GLU B 120 -2.32 22.17 0.71
CA GLU B 120 -1.06 21.55 1.13
C GLU B 120 -1.25 20.85 2.47
N LEU B 121 -0.73 19.63 2.69
CA LEU B 121 -0.06 18.75 1.71
C LEU B 121 -1.03 17.60 1.42
N SER B 122 -1.46 17.51 0.19
CA SER B 122 -2.34 16.47 -0.26
C SER B 122 -1.56 15.58 -1.20
N ALA B 123 -1.64 14.29 -0.92
CA ALA B 123 -0.93 13.28 -1.67
C ALA B 123 -1.60 11.93 -1.50
N ALA B 124 -1.28 10.99 -2.39
CA ALA B 124 -1.79 9.61 -2.34
C ALA B 124 -0.93 8.71 -1.46
N PRO B 125 -1.54 7.66 -0.89
CA PRO B 125 -0.75 6.70 -0.13
C PRO B 125 0.29 5.98 -0.99
N ASP B 126 1.44 5.64 -0.38
CA ASP B 126 2.46 4.83 -1.01
C ASP B 126 2.17 3.34 -0.82
N PRO B 127 2.16 2.57 -1.90
CA PRO B 127 1.93 1.13 -1.73
C PRO B 127 2.99 0.41 -0.86
N GLY B 128 4.22 0.88 -0.88
CA GLY B 128 5.31 0.28 -0.03
C GLY B 128 5.10 0.39 1.48
N TRP B 129 4.60 1.54 1.94
CA TRP B 129 4.30 1.78 3.33
C TRP B 129 3.15 2.80 3.36
N PRO B 130 1.91 2.30 3.45
CA PRO B 130 0.82 3.19 3.11
C PRO B 130 0.42 4.25 4.16
N ASP B 131 1.10 4.31 5.29
CA ASP B 131 1.00 5.45 6.20
C ASP B 131 1.98 6.57 5.80
N CYS B 132 2.76 6.35 4.75
CA CYS B 132 3.50 7.40 4.09
C CYS B 132 2.79 7.72 2.81
N PHE B 133 2.84 9.01 2.42
CA PHE B 133 2.39 9.37 1.10
C PHE B 133 3.52 9.18 0.07
N ASN B 134 3.14 8.90 -1.17
CA ASN B 134 4.09 8.86 -2.26
C ASN B 134 4.32 10.28 -2.76
N SER B 135 5.59 10.69 -2.86
CA SER B 135 5.92 12.05 -3.27
C SER B 135 5.98 12.27 -4.79
N GLY B 136 5.46 11.34 -5.56
CA GLY B 136 5.39 11.50 -7.00
C GLY B 136 4.25 12.39 -7.52
N VAL B 137 3.22 12.63 -6.71
CA VAL B 137 2.13 13.57 -7.04
C VAL B 137 1.69 14.23 -5.74
N PHE B 138 1.85 15.53 -5.63
CA PHE B 138 1.38 16.19 -4.44
C PHE B 138 1.00 17.64 -4.65
N VAL B 139 0.01 18.08 -3.91
CA VAL B 139 -0.48 19.42 -3.97
C VAL B 139 0.18 20.24 -2.85
N TYR B 140 0.78 21.36 -3.20
CA TYR B 140 1.54 22.16 -2.22
C TYR B 140 1.36 23.64 -2.49
N GLN B 141 1.79 24.46 -1.54
CA GLN B 141 1.72 25.94 -1.64
C GLN B 141 3.15 26.50 -1.55
N PRO B 142 3.68 27.02 -2.65
CA PRO B 142 5.01 27.63 -2.61
C PRO B 142 5.12 28.65 -1.46
N SER B 143 6.26 28.62 -0.79
CA SER B 143 6.46 29.47 0.37
C SER B 143 7.92 29.56 0.68
N VAL B 144 8.43 30.79 0.84
CA VAL B 144 9.82 30.98 1.27
C VAL B 144 10.07 30.39 2.66
N GLU B 145 9.11 30.53 3.57
CA GLU B 145 9.13 29.88 4.87
C GLU B 145 9.31 28.35 4.72
N THR B 146 8.35 27.71 4.09
CA THR B 146 8.41 26.25 3.95
C THR B 146 9.64 25.74 3.21
N TYR B 147 10.00 26.40 2.11
CA TYR B 147 11.24 26.12 1.35
C TYR B 147 12.46 26.05 2.26
N ASN B 148 12.67 27.11 3.04
CA ASN B 148 13.84 27.17 3.88
C ASN B 148 13.79 26.21 5.07
N GLN B 149 12.59 25.93 5.56
CA GLN B 149 12.44 24.91 6.61
C GLN B 149 12.85 23.56 6.07
N LEU B 150 12.38 23.21 4.87
CA LEU B 150 12.72 21.94 4.24
C LEU B 150 14.21 21.82 3.94
N LEU B 151 14.80 22.88 3.37
CA LEU B 151 16.26 22.89 3.16
C LEU B 151 17.04 22.67 4.44
N HIS B 152 16.61 23.31 5.50
CA HIS B 152 17.32 23.20 6.79
C HIS B 152 17.19 21.81 7.36
N LEU B 153 15.99 21.25 7.29
CA LEU B 153 15.76 19.85 7.76
C LEU B 153 16.63 18.88 6.96
N ALA B 154 16.67 19.09 5.64
CA ALA B 154 17.50 18.26 4.76
C ALA B 154 19.00 18.34 5.11
N SER B 155 19.47 19.54 5.45
CA SER B 155 20.89 19.72 5.78
C SER B 155 21.25 19.13 7.15
N GLU B 156 20.36 19.29 8.13
CA GLU B 156 20.64 18.89 9.50
C GLU B 156 20.41 17.39 9.69
N GLN B 157 19.22 16.91 9.29
CA GLN B 157 18.77 15.55 9.58
C GLN B 157 18.80 14.59 8.37
N GLY B 158 18.82 15.15 7.17
CA GLY B 158 18.74 14.34 5.98
C GLY B 158 17.34 13.74 5.82
N SER B 159 17.29 12.62 5.11
CA SER B 159 16.03 11.91 4.80
C SER B 159 16.12 10.45 5.17
N PHE B 160 15.04 9.89 5.75
CA PHE B 160 15.10 8.48 6.17
C PHE B 160 15.26 7.48 5.00
N ASP B 161 14.96 7.90 3.76
CA ASP B 161 15.22 7.05 2.62
C ASP B 161 16.29 7.59 1.66
N GLY B 162 17.00 8.66 2.06
CA GLY B 162 18.01 9.26 1.20
C GLY B 162 17.51 10.12 0.06
N GLY B 163 16.19 10.19 -0.11
CA GLY B 163 15.59 10.99 -1.17
C GLY B 163 14.52 11.93 -0.65
N ASP B 164 13.76 12.52 -1.56
CA ASP B 164 12.80 13.50 -1.13
C ASP B 164 11.64 12.91 -0.33
N GLN B 165 11.27 11.65 -0.63
CA GLN B 165 10.04 11.10 -0.01
C GLN B 165 10.18 11.01 1.48
N GLY B 166 11.36 10.63 1.96
CA GLY B 166 11.56 10.45 3.39
C GLY B 166 11.42 11.79 4.10
N ILE B 167 12.17 12.78 3.65
CA ILE B 167 12.14 14.07 4.29
C ILE B 167 10.75 14.71 4.16
N LEU B 168 10.07 14.59 3.02
CA LEU B 168 8.74 15.18 2.90
C LEU B 168 7.74 14.53 3.87
N ASN B 169 7.82 13.22 4.03
CA ASN B 169 6.95 12.53 5.01
C ASN B 169 7.25 12.93 6.46
N THR B 170 8.52 13.11 6.77
CA THR B 170 8.94 13.56 8.11
C THR B 170 8.42 15.00 8.37
N PHE B 171 8.56 15.88 7.39
CA PHE B 171 8.09 17.23 7.54
C PHE B 171 6.56 17.33 7.62
N PHE B 172 5.86 16.66 6.71
CA PHE B 172 4.42 16.65 6.69
C PHE B 172 3.92 15.38 7.36
N SER B 173 4.24 15.28 8.66
CA SER B 173 4.06 14.02 9.40
C SER B 173 2.63 13.75 9.84
N SER B 174 1.77 14.76 9.75
CA SER B 174 0.35 14.60 10.13
C SER B 174 -0.49 13.92 9.06
N TRP B 175 0.09 13.68 7.88
CA TRP B 175 -0.69 13.20 6.74
C TRP B 175 -1.51 11.93 7.04
N ALA B 176 -0.90 10.91 7.64
CA ALA B 176 -1.62 9.65 7.85
C ALA B 176 -2.83 9.75 8.77
N THR B 177 -2.79 10.68 9.73
CA THR B 177 -3.77 10.69 10.82
C THR B 177 -4.72 11.90 10.86
N THR B 178 -4.52 12.89 9.98
CA THR B 178 -5.21 14.14 10.02
C THR B 178 -5.69 14.55 8.63
N ASP B 179 -6.98 14.84 8.55
CA ASP B 179 -7.62 15.41 7.38
C ASP B 179 -7.65 14.48 6.16
N ILE B 180 -8.65 13.64 6.13
CA ILE B 180 -8.82 12.70 5.07
C ILE B 180 -8.92 13.38 3.66
N ARG B 181 -9.29 14.66 3.59
CA ARG B 181 -9.32 15.37 2.28
C ARG B 181 -7.94 15.54 1.69
N LYS B 182 -6.90 15.42 2.52
CA LYS B 182 -5.51 15.52 2.03
C LYS B 182 -4.96 14.17 1.58
N HIS B 183 -5.80 13.12 1.67
CA HIS B 183 -5.52 11.83 1.02
C HIS B 183 -6.06 11.85 -0.38
N LEU B 184 -5.19 12.05 -1.36
CA LEU B 184 -5.63 11.96 -2.73
C LEU B 184 -6.03 10.52 -3.02
N PRO B 185 -7.15 10.30 -3.70
CA PRO B 185 -7.44 8.95 -4.18
C PRO B 185 -6.25 8.35 -4.95
N PHE B 186 -6.03 7.06 -4.73
CA PHE B 186 -4.94 6.35 -5.29
C PHE B 186 -4.93 6.42 -6.83
N ILE B 187 -6.09 6.63 -7.43
CA ILE B 187 -6.19 6.83 -8.87
C ILE B 187 -5.50 8.08 -9.40
N TYR B 188 -5.12 9.01 -8.51
CA TYR B 188 -4.30 10.19 -8.88
C TYR B 188 -2.80 9.91 -8.83
N ASN B 189 -2.42 8.71 -8.43
CA ASN B 189 -1.03 8.28 -8.44
C ASN B 189 -0.94 6.78 -8.39
N LEU B 190 -1.37 6.17 -9.48
CA LEU B 190 -1.48 4.71 -9.54
C LEU B 190 -0.15 4.08 -9.93
N SER B 191 0.51 3.47 -8.94
CA SER B 191 1.79 2.77 -9.17
C SER B 191 1.57 1.47 -9.94
N SER B 192 2.39 1.20 -10.93
CA SER B 192 2.31 -0.11 -11.62
C SER B 192 2.39 -1.31 -10.65
N ILE B 193 3.15 -1.17 -9.54
CA ILE B 193 3.32 -2.25 -8.60
C ILE B 193 1.97 -2.68 -8.05
N SER B 194 1.08 -1.71 -7.86
CA SER B 194 -0.25 -2.03 -7.32
C SER B 194 -1.12 -2.81 -8.29
N ILE B 195 -1.00 -2.54 -9.57
CA ILE B 195 -1.77 -3.30 -10.58
C ILE B 195 -1.32 -4.74 -10.52
N TYR B 196 0.00 -4.93 -10.48
CA TYR B 196 0.59 -6.25 -10.45
C TYR B 196 0.26 -7.01 -9.15
N SER B 197 0.27 -6.30 -8.03
CA SER B 197 0.12 -6.91 -6.69
C SER B 197 -1.29 -7.29 -6.27
N TYR B 198 -2.29 -6.54 -6.72
CA TYR B 198 -3.69 -6.88 -6.37
C TYR B 198 -4.57 -6.61 -7.60
N LEU B 199 -4.38 -7.45 -8.60
CA LEU B 199 -5.07 -7.31 -9.89
C LEU B 199 -6.59 -7.24 -9.77
N PRO B 200 -7.20 -8.05 -8.85
CA PRO B 200 -8.63 -7.87 -8.73
C PRO B 200 -9.06 -6.43 -8.43
N ALA B 201 -8.31 -5.70 -7.59
CA ALA B 201 -8.65 -4.33 -7.30
C ALA B 201 -8.49 -3.47 -8.56
N PHE B 202 -7.41 -3.65 -9.28
CA PHE B 202 -7.22 -2.92 -10.51
C PHE B 202 -8.35 -3.19 -11.50
N LYS B 203 -8.81 -4.44 -11.56
CA LYS B 203 -9.87 -4.78 -12.52
C LYS B 203 -11.18 -4.02 -12.24
N VAL B 204 -11.49 -3.72 -10.96
CA VAL B 204 -12.75 -3.06 -10.60
CA VAL B 204 -12.74 -3.05 -10.58
C VAL B 204 -12.59 -1.52 -10.43
N PHE B 205 -11.39 -1.05 -10.04
CA PHE B 205 -11.17 0.38 -9.80
C PHE B 205 -10.28 1.06 -10.86
N GLY B 206 -9.58 0.26 -11.66
CA GLY B 206 -8.53 0.75 -12.56
C GLY B 206 -8.97 1.54 -13.77
N ALA B 207 -10.17 1.26 -14.29
CA ALA B 207 -10.69 2.03 -15.42
C ALA B 207 -10.85 3.53 -15.08
N SER B 208 -10.86 3.86 -13.80
CA SER B 208 -11.00 5.24 -13.33
C SER B 208 -9.63 5.93 -13.14
N ALA B 209 -8.52 5.27 -13.47
CA ALA B 209 -7.17 5.81 -13.27
C ALA B 209 -7.00 7.14 -13.96
N LYS B 210 -6.46 8.11 -13.21
CA LYS B 210 -6.21 9.44 -13.75
C LYS B 210 -4.72 9.68 -14.02
N VAL B 211 -3.86 9.07 -13.21
CA VAL B 211 -2.42 9.21 -13.34
C VAL B 211 -1.78 7.86 -13.11
N VAL B 212 -0.89 7.45 -14.00
CA VAL B 212 -0.06 6.24 -13.76
CA VAL B 212 -0.07 6.23 -13.78
C VAL B 212 1.37 6.64 -13.49
N HIS B 213 1.99 5.94 -12.55
CA HIS B 213 3.33 6.25 -12.06
C HIS B 213 4.24 5.07 -12.26
N PHE B 214 5.20 5.23 -13.14
CA PHE B 214 6.14 4.15 -13.51
C PHE B 214 7.29 4.06 -12.52
N LEU B 215 6.93 3.89 -11.27
CA LEU B 215 7.83 3.85 -10.16
C LEU B 215 8.75 2.64 -10.27
N GLY B 216 10.02 2.82 -9.95
CA GLY B 216 10.99 1.70 -9.91
C GLY B 216 12.16 1.97 -10.83
N ARG B 217 13.17 1.11 -10.79
CA ARG B 217 14.44 1.41 -11.49
C ARG B 217 14.36 1.42 -13.02
N VAL B 218 13.52 0.58 -13.58
CA VAL B 218 13.38 0.48 -15.02
C VAL B 218 12.30 1.47 -15.45
N LYS B 219 12.68 2.44 -16.25
CA LYS B 219 11.73 3.50 -16.65
C LYS B 219 11.24 3.29 -18.07
N PRO B 220 10.17 3.99 -18.46
CA PRO B 220 9.63 3.70 -19.77
C PRO B 220 10.63 3.90 -20.86
N TRP B 221 11.43 4.93 -20.73
CA TRP B 221 12.43 5.26 -21.76
C TRP B 221 13.55 4.24 -21.86
N ASN B 222 13.61 3.26 -20.95
CA ASN B 222 14.60 2.18 -21.02
C ASN B 222 14.16 0.96 -21.81
N TYR B 223 12.88 0.93 -22.23
CA TYR B 223 12.37 -0.18 -23.03
C TYR B 223 12.69 -0.01 -24.51
N THR B 224 12.74 -1.15 -25.22
CA THR B 224 12.88 -1.15 -26.66
C THR B 224 11.48 -1.26 -27.22
N TYR B 225 11.05 -0.20 -27.91
CA TYR B 225 9.69 -0.09 -28.46
C TYR B 225 9.71 -0.15 -29.99
N ASP B 226 8.78 -0.93 -30.56
CA ASP B 226 8.59 -1.04 -32.02
C ASP B 226 7.31 -0.30 -32.43
N PRO B 227 7.44 0.89 -33.04
CA PRO B 227 6.26 1.69 -33.39
C PRO B 227 5.40 1.06 -34.48
N LYS B 228 5.94 0.13 -35.25
CA LYS B 228 5.16 -0.54 -36.31
C LYS B 228 4.03 -1.39 -35.73
N THR B 229 4.34 -2.17 -34.70
CA THR B 229 3.32 -3.04 -34.08
C THR B 229 2.80 -2.52 -32.74
N LYS B 230 3.48 -1.52 -32.16
CA LYS B 230 3.15 -0.94 -30.84
C LYS B 230 3.39 -1.96 -29.72
N SER B 231 4.60 -2.45 -29.67
CA SER B 231 5.01 -3.41 -28.66
C SER B 231 6.37 -3.09 -28.12
N VAL B 232 6.61 -3.58 -26.93
CA VAL B 232 7.92 -3.51 -26.30
C VAL B 232 8.46 -4.92 -26.09
N LYS B 233 9.79 -5.05 -26.02
CA LYS B 233 10.40 -6.29 -25.51
C LYS B 233 10.37 -6.19 -24.00
N SER B 234 10.21 -7.31 -23.30
CA SER B 234 10.20 -7.31 -21.82
C SER B 234 10.79 -8.58 -21.22
N GLU B 235 11.30 -8.48 -19.99
CA GLU B 235 11.90 -9.62 -19.29
C GLU B 235 10.93 -10.13 -18.23
N ALA B 236 11.28 -11.23 -17.57
CA ALA B 236 10.42 -11.80 -16.53
C ALA B 236 10.28 -10.85 -15.34
N HIS B 237 9.16 -10.96 -14.62
CA HIS B 237 8.90 -10.20 -13.40
C HIS B 237 8.87 -8.71 -13.66
N ASP B 238 8.01 -8.29 -14.58
CA ASP B 238 7.86 -6.90 -14.90
C ASP B 238 6.43 -6.41 -14.58
N PRO B 239 6.25 -5.73 -13.42
CA PRO B 239 4.93 -5.19 -13.05
C PRO B 239 4.33 -4.25 -14.08
N ASN B 240 5.19 -3.60 -14.88
CA ASN B 240 4.72 -2.75 -15.95
C ASN B 240 3.97 -3.51 -17.04
N MET B 241 4.18 -4.83 -17.15
CA MET B 241 3.58 -5.62 -18.23
C MET B 241 2.28 -6.34 -17.82
N THR B 242 1.83 -6.11 -16.59
CA THR B 242 0.53 -6.66 -16.14
C THR B 242 -0.58 -5.98 -16.95
N HIS B 243 -0.54 -4.66 -16.97
CA HIS B 243 -1.39 -3.86 -17.81
C HIS B 243 -0.49 -3.03 -18.69
N PRO B 244 0.12 -3.68 -19.73
CA PRO B 244 1.13 -2.98 -20.50
C PRO B 244 0.59 -1.79 -21.31
N GLU B 245 -0.74 -1.61 -21.40
CA GLU B 245 -1.24 -0.51 -22.25
C GLU B 245 -0.77 0.87 -21.74
N PHE B 246 -0.51 1.00 -20.44
CA PHE B 246 0.03 2.28 -19.93
C PHE B 246 1.43 2.58 -20.50
N LEU B 247 2.29 1.58 -20.51
CA LEU B 247 3.62 1.72 -21.11
C LEU B 247 3.51 2.02 -22.56
N ILE B 248 2.61 1.31 -23.26
CA ILE B 248 2.47 1.56 -24.70
C ILE B 248 1.92 2.97 -24.97
N LEU B 249 1.02 3.44 -24.10
CA LEU B 249 0.53 4.81 -24.21
C LEU B 249 1.68 5.81 -24.06
N TRP B 250 2.54 5.59 -23.07
CA TRP B 250 3.75 6.39 -22.88
C TRP B 250 4.55 6.49 -24.19
N TRP B 251 4.80 5.32 -24.78
CA TRP B 251 5.61 5.24 -26.02
C TRP B 251 4.91 5.83 -27.22
N ASN B 252 3.58 5.73 -27.28
CA ASN B 252 2.86 6.33 -28.38
C ASN B 252 2.91 7.85 -28.31
N ILE B 253 2.73 8.39 -27.11
CA ILE B 253 2.92 9.83 -26.90
C ILE B 253 4.36 10.26 -27.21
N PHE B 254 5.35 9.51 -26.69
CA PHE B 254 6.73 9.85 -27.00
C PHE B 254 7.00 9.83 -28.53
N THR B 255 6.60 8.75 -29.17
CA THR B 255 6.91 8.57 -30.58
C THR B 255 6.26 9.62 -31.47
N THR B 256 5.01 9.97 -31.16
CA THR B 256 4.26 10.85 -32.01
C THR B 256 4.52 12.33 -31.66
N ASN B 257 4.57 12.65 -30.37
CA ASN B 257 4.57 14.07 -29.89
C ASN B 257 5.93 14.61 -29.53
N VAL B 258 6.85 13.75 -29.09
CA VAL B 258 8.13 14.19 -28.51
C VAL B 258 9.38 13.82 -29.36
N LEU B 259 9.50 12.56 -29.75
CA LEU B 259 10.72 12.08 -30.50
C LEU B 259 11.09 12.96 -31.70
N PRO B 260 10.08 13.41 -32.49
CA PRO B 260 10.44 14.23 -33.65
C PRO B 260 11.15 15.55 -33.31
N LEU B 261 11.01 16.03 -32.07
CA LEU B 261 11.73 17.20 -31.62
C LEU B 261 13.17 16.88 -31.16
N LEU B 262 13.45 15.61 -30.87
CA LEU B 262 14.77 15.20 -30.37
C LEU B 262 15.69 14.62 -31.46
N GLN B 263 15.10 13.95 -32.45
CA GLN B 263 15.85 13.21 -33.49
C GLN B 263 15.26 13.46 -34.88
C1 GLC C . 12.95 -8.40 -4.76
C2 GLC C . 12.24 -9.56 -5.48
C3 GLC C . 13.05 -9.95 -6.71
C4 GLC C . 13.77 -8.70 -7.20
C5 GLC C . 14.81 -8.23 -6.16
C6 GLC C . 15.09 -6.71 -6.21
O2 GLC C . 12.10 -10.70 -4.65
O3 GLC C . 12.20 -10.49 -7.69
O4 GLC C . 14.36 -8.87 -8.50
O5 GLC C . 14.35 -8.54 -4.86
O6 GLC C . 16.49 -6.46 -6.29
C1 GLC C . 13.78 -7.87 -9.36
C2 GLC C . 12.53 -8.44 -10.05
C3 GLC C . 11.84 -7.34 -10.87
C4 GLC C . 12.56 -6.02 -10.53
C5 GLC C . 14.01 -6.18 -11.02
C6 GLC C . 14.84 -4.90 -10.88
O2 GLC C . 12.85 -9.54 -10.86
O3 GLC C . 10.48 -7.32 -10.56
O4 GLC C . 11.89 -4.85 -11.00
O5 GLC C . 14.64 -7.29 -10.34
O6 GLC C . 15.17 -4.41 -12.17
C1 GLC C . 11.40 -4.12 -9.81
C2 GLC C . 10.08 -4.77 -9.33
C3 GLC C . 9.18 -3.79 -8.58
C4 GLC C . 10.08 -2.83 -7.83
C5 GLC C . 10.83 -1.98 -8.86
C6 GLC C . 11.98 -1.22 -8.19
O2 GLC C . 9.37 -5.30 -10.41
O3 GLC C . 8.34 -4.49 -7.70
O4 GLC C . 9.35 -2.06 -6.89
O5 GLC C . 11.24 -2.73 -10.03
O6 GLC C . 13.13 -1.08 -8.98
C1 GLC C . 9.96 -2.19 -5.57
C2 GLC C . 8.93 -1.97 -4.45
C3 GLC C . 8.64 -0.49 -4.18
C4 GLC C . 9.93 0.31 -4.10
C5 GLC C . 10.80 0.07 -5.34
C6 GLC C . 12.13 0.84 -5.30
O2 GLC C . 7.73 -2.64 -4.78
O3 GLC C . 7.92 -0.37 -2.97
O4 GLC C . 9.59 1.69 -3.98
O5 GLC C . 11.09 -1.32 -5.41
O6 GLC C . 12.42 1.45 -6.55
C1 GLC C . 9.94 2.26 -2.70
C2 GLC C . 8.77 3.10 -2.25
C3 GLC C . 8.57 4.22 -3.27
C4 GLC C . 9.86 5.02 -3.43
C5 GLC C . 11.05 4.11 -3.74
C6 GLC C . 12.35 4.90 -3.78
O2 GLC C . 7.58 2.29 -2.10
O3 GLC C . 7.58 5.06 -2.79
O4 GLC C . 9.74 6.07 -4.44
O5 GLC C . 11.11 3.08 -2.75
O6 GLC C . 13.42 4.02 -4.00
C1 GLC C . 9.43 7.34 -3.84
C2 GLC C . 8.79 8.33 -4.86
C3 GLC C . 9.77 9.27 -5.54
C4 GLC C . 10.86 9.75 -4.57
C5 GLC C . 11.53 8.49 -4.02
C6 GLC C . 12.82 8.73 -3.25
O2 GLC C . 8.00 7.61 -5.83
O3 GLC C . 9.07 10.38 -6.11
O4 GLC C . 11.75 10.59 -5.25
O5 GLC C . 10.57 7.89 -3.17
O6 GLC C . 12.59 9.43 -2.08
C1 GLC D . 5.45 -11.91 -8.64
C2 GLC D . 6.96 -11.62 -8.71
C3 GLC D . 7.68 -12.96 -8.64
C4 GLC D . 6.71 -13.96 -8.02
C5 GLC D . 5.54 -14.23 -8.97
C6 GLC D . 4.40 -14.97 -8.27
O2 GLC D . 7.31 -10.95 -9.90
O3 GLC D . 8.87 -12.84 -7.89
O4 GLC D . 7.33 -15.18 -7.58
O5 GLC D . 5.06 -13.00 -9.46
O6 GLC D . 3.31 -15.13 -9.15
C1 GLC D . 7.02 -15.32 -6.18
C2 GLC D . 8.05 -14.50 -5.38
C3 GLC D . 7.72 -14.55 -3.89
C4 GLC D . 6.42 -15.33 -3.64
C5 GLC D . 6.50 -16.73 -4.30
C6 GLC D . 5.14 -17.44 -4.29
O2 GLC D . 9.35 -14.97 -5.63
O3 GLC D . 7.61 -13.23 -3.43
O4 GLC D . 6.09 -15.33 -2.24
O5 GLC D . 7.00 -16.64 -5.65
O6 GLC D . 5.30 -18.78 -3.87
C1 GLC D . 5.16 -14.23 -2.02
C2 GLC D . 5.63 -13.21 -1.00
C3 GLC D . 4.68 -12.00 -1.06
C4 GLC D . 3.50 -12.21 -2.03
C5 GLC D . 2.88 -13.64 -1.89
C6 GLC D . 2.15 -14.20 -3.11
O2 GLC D . 5.62 -13.77 0.29
O3 GLC D . 5.41 -10.86 -1.47
O4 GLC D . 2.54 -11.18 -1.82
O5 GLC D . 3.88 -14.63 -1.59
O6 GLC D . 1.20 -15.15 -2.66
C1 GLC D . 1.86 -10.83 -3.05
C2 GLC D . 1.47 -9.34 -3.08
C3 GLC D . 0.23 -9.05 -2.26
C4 GLC D . -0.87 -10.06 -2.55
C5 GLC D . -0.31 -11.48 -2.34
C6 GLC D . -1.34 -12.61 -2.57
O2 GLC D . 2.53 -8.54 -2.61
O3 GLC D . -0.23 -7.73 -2.55
O4 GLC D . -1.91 -9.81 -1.63
O5 GLC D . 0.73 -11.65 -3.27
O6 GLC D . -0.99 -13.74 -1.80
C1 GLC D . -3.15 -9.38 -2.26
C2 GLC D . -3.71 -8.27 -1.41
C3 GLC D . -4.01 -8.82 -0.02
C4 GLC D . -4.98 -10.01 -0.14
C5 GLC D . -4.41 -11.04 -1.09
C6 GLC D . -5.40 -12.19 -1.33
O2 GLC D . -2.79 -7.18 -1.42
O3 GLC D . -4.61 -7.83 0.74
O4 GLC D . -5.27 -10.62 1.14
O5 GLC D . -4.12 -10.41 -2.35
O6 GLC D . -4.91 -13.06 -2.33
C1 GLC D . -6.51 -10.18 1.69
C2 GLC D . -6.55 -10.36 3.24
C3 GLC D . -7.24 -11.65 3.73
C4 GLC D . -8.47 -11.98 2.89
C5 GLC D . -7.96 -12.08 1.44
C6 GLC D . -8.95 -12.65 0.41
O2 GLC D . -5.21 -10.22 3.78
O3 GLC D . -7.56 -11.53 5.11
O4 GLC D . -9.07 -13.16 3.34
O5 GLC D . -7.64 -10.76 1.03
O6 GLC D . -9.99 -11.74 0.18
MN MN E . -3.89 -13.20 6.30
N1 UDP F . -8.48 -19.15 6.21
C2 UDP F . -8.76 -20.47 6.65
N3 UDP F . -8.52 -21.51 5.84
C4 UDP F . -8.04 -21.39 4.61
C5 UDP F . -7.76 -20.12 4.10
C6 UDP F . -8.00 -19.01 4.94
O2 UDP F . -9.20 -20.62 7.80
O4 UDP F . -7.84 -22.45 3.91
C1' UDP F . -8.78 -18.01 7.09
C2' UDP F . -7.69 -17.71 8.09
O2' UDP F . -8.22 -17.02 9.24
C3' UDP F . -6.81 -16.78 7.31
C4' UDP F . -7.87 -15.94 6.61
O4' UDP F . -8.93 -16.82 6.30
O3' UDP F . -5.90 -16.03 8.11
C5' UDP F . -7.49 -15.20 5.29
O5' UDP F . -6.65 -16.05 4.50
PA UDP F . -5.09 -15.74 4.33
O1A UDP F . -4.44 -16.95 3.86
O2A UDP F . -4.54 -15.15 5.61
O3A UDP F . -5.09 -14.60 3.23
PB UDP F . -3.87 -13.56 3.02
O1B UDP F . -4.30 -12.83 1.75
O2B UDP F . -2.66 -14.32 2.83
O3B UDP F . -3.84 -12.64 4.23
C1 GOL G . 6.77 -28.94 13.08
O1 GOL G . 5.56 -28.21 12.78
C2 GOL G . 7.63 -28.04 13.95
O2 GOL G . 6.99 -27.91 15.21
C3 GOL G . 9.08 -28.51 14.14
O3 GOL G . 9.96 -27.35 14.02
C1 GOL H . 3.53 -2.25 25.37
O1 GOL H . 4.11 -2.30 24.06
C2 GOL H . 2.64 -3.46 25.62
O2 GOL H . 2.08 -3.39 26.93
C3 GOL H . 3.42 -4.76 25.49
O3 GOL H . 2.72 -5.81 26.18
S SO4 I . -11.67 13.75 9.03
O1 SO4 I . -11.98 12.30 8.94
O2 SO4 I . -11.37 14.10 10.44
O3 SO4 I . -10.47 14.12 8.25
O4 SO4 I . -12.86 14.47 8.49
MN MN J . 8.66 8.36 -9.78
N1 UDP K . 14.87 12.51 -10.92
C2 UDP K . 15.75 13.12 -11.80
N3 UDP K . 16.93 12.57 -12.08
C4 UDP K . 17.33 11.40 -11.56
C5 UDP K . 16.47 10.74 -10.66
C6 UDP K . 15.23 11.33 -10.36
O2 UDP K . 15.38 14.21 -12.31
O4 UDP K . 18.46 10.92 -11.86
C1' UDP K . 13.60 13.19 -10.60
C2' UDP K . 12.49 12.87 -11.59
O2' UDP K . 11.49 13.89 -11.61
C3' UDP K . 11.90 11.63 -11.01
C4' UDP K . 11.87 11.98 -9.53
O4' UDP K . 13.12 12.69 -9.34
O3' UDP K . 10.62 11.28 -11.53
C5' UDP K . 11.84 10.82 -8.53
O5' UDP K . 12.70 9.73 -8.94
PA UDP K . 12.11 8.35 -9.56
O1A UDP K . 13.17 7.63 -10.33
O2A UDP K . 10.79 8.69 -10.26
O3A UDP K . 11.77 7.52 -8.19
PB UDP K . 10.68 6.37 -8.04
O1B UDP K . 9.37 7.02 -8.24
O2B UDP K . 10.98 5.36 -9.08
O3B UDP K . 10.88 5.85 -6.62
C1 GOL L . 24.03 27.00 -17.10
O1 GOL L . 22.62 26.99 -16.83
C2 GOL L . 24.69 25.68 -16.68
O2 GOL L . 24.54 24.69 -17.70
C3 GOL L . 26.18 25.90 -16.44
O3 GOL L . 26.60 25.03 -15.38
C1 GOL M . -3.77 25.98 -21.19
O1 GOL M . -2.70 26.93 -21.14
C2 GOL M . -5.12 26.66 -21.49
O2 GOL M . -4.88 28.04 -21.86
C3 GOL M . -5.88 25.95 -22.62
O3 GOL M . -6.36 24.65 -22.21
C1 GOL N . 12.28 31.70 -9.57
O1 GOL N . 11.13 30.93 -9.93
C2 GOL N . 13.14 30.98 -8.52
O2 GOL N . 12.40 29.96 -7.85
C3 GOL N . 14.40 30.37 -9.19
O3 GOL N . 14.77 29.15 -8.54
C1 GOL O . -3.03 5.45 3.92
O1 GOL O . -2.87 5.95 5.27
C2 GOL O . -4.33 5.84 3.24
O2 GOL O . -5.21 6.21 4.18
C3 GOL O . -4.95 4.66 2.53
O3 GOL O . -6.13 5.07 1.79
C1 GOL P . 6.85 34.94 2.14
C1 GOL P . 7.17 34.70 2.26
O1 GOL P . 6.12 36.12 2.54
O1 GOL P . 6.53 35.89 2.75
C2 GOL P . 5.88 33.82 1.80
C2 GOL P . 6.14 33.76 1.63
O2 GOL P . 6.27 33.16 0.59
O2 GOL P . 6.75 33.03 0.56
C3 GOL P . 5.90 32.79 2.91
C3 GOL P . 5.63 32.77 2.65
O3 GOL P . 7.25 32.37 3.10
O3 GOL P . 4.37 32.22 2.19
C1 GOL Q . 7.96 17.67 11.66
O1 GOL Q . 7.39 18.78 10.96
C2 GOL Q . 9.43 17.44 11.28
O2 GOL Q . 10.14 16.88 12.39
C3 GOL Q . 10.07 18.75 10.86
O3 GOL Q . 11.50 18.68 10.98
S SO4 R . -10.57 13.82 -19.89
O1 SO4 R . -10.84 13.83 -18.40
O2 SO4 R . -11.66 13.49 -20.85
O3 SO4 R . -9.34 14.55 -20.40
O4 SO4 R . -11.19 15.16 -19.88
#